data_6T6X
#
_entry.id   6T6X
#
_cell.length_a   66.655
_cell.length_b   80.285
_cell.length_c   89.337
_cell.angle_alpha   90.000
_cell.angle_beta   90.000
_cell.angle_gamma   90.000
#
_symmetry.space_group_name_H-M   'I 2 2 2'
#
loop_
_entity.id
_entity.type
_entity.pdbx_description
1 polymer BotH
2 non-polymer '(4~{R})-2-[(1~{R})-1-[[(2~{S})-2-[[(2~{S})-3-methyl-2-[[(4~{Z},6~{S},9~{S},12~{S})-2,8,11-tris(oxidanylidene)-6,9-di(propan-2-yl)-1,4,7,10-tetrazabicyclo[10.3.0]pentadec-4-en-5-yl]amino]butanoyl]amino]-3-phenyl-propanoyl]amino]-3-oxidanyl-3-oxidanylidene-propyl]-4,5-dihydro-1,3-thiazole-4-carboxylic acid'
3 water water
#
_entity_poly.entity_id   1
_entity_poly.type   'polypeptide(L)'
_entity_poly.pdbx_seq_one_letter_code
;HHHHHHSSGLVPRGSHMVRDGNGTSRRDVFEVFSRDGTPIRGFSRPGPGETVVLVHGVAMDRRIWAESGFLDALPDAHVL
ALDLRGRGESGRVGTAEGHALRRYVEDVRAVLDRFGRARYSLFGTFFGGRIALQVAAVDTRVARAFSFCAHAEQVEIPED
AVEEEAVAVEGPGGHAYLRDHFTGRGAPPWMVEACARVDPGELGAATRGLLHGSDRRTERGHPDQELVLITADGDADLAP
FHAGERRLGAHLWLVDAPTRIKAAGRLAEVGRRVAGVLAEGGHGTGDAPAEARTTGDAPAEARASGTGVV
;
_entity_poly.pdbx_strand_id   A
#
loop_
_chem_comp.id
_chem_comp.type
_chem_comp.name
_chem_comp.formula
MQW non-polymer '(4~{R})-2-[(1~{R})-1-[[(2~{S})-2-[[(2~{S})-3-methyl-2-[[(4~{Z},6~{S},9~{S},12~{S})-2,8,11-tris(oxidanylidene)-6,9-di(propan-2-yl)-1,4,7,10-tetrazabicyclo[10.3.0]pentadec-4-en-5-yl]amino]butanoyl]amino]-3-phenyl-propanoyl]amino]-3-oxidanyl-3-oxidanylidene-propyl]-4,5-dihydro-1,3-thiazole-4-carboxylic acid' 'C38 H54 N8 O9 S'
#
# COMPACT_ATOMS: atom_id res chain seq x y z
N ARG A 27 3.81 -3.36 21.16
CA ARG A 27 4.54 -2.89 19.99
C ARG A 27 5.90 -2.32 20.31
N ASP A 28 6.88 -2.66 19.48
CA ASP A 28 8.19 -2.04 19.51
C ASP A 28 8.32 -1.19 18.26
N VAL A 29 9.15 -0.17 18.31
CA VAL A 29 9.43 0.62 17.12
C VAL A 29 10.76 0.16 16.53
N PHE A 30 10.90 0.40 15.24
CA PHE A 30 12.13 0.06 14.52
C PHE A 30 12.44 1.17 13.54
N GLU A 31 13.71 1.20 13.16
CA GLU A 31 14.18 2.02 12.06
C GLU A 31 15.11 1.18 11.20
N VAL A 32 14.99 1.36 9.89
CA VAL A 32 15.91 0.76 8.94
C VAL A 32 16.23 1.84 7.92
N PHE A 33 17.24 1.59 7.11
CA PHE A 33 17.62 2.53 6.06
C PHE A 33 17.41 1.89 4.70
N SER A 34 16.75 2.64 3.84
CA SER A 34 16.57 2.25 2.46
C SER A 34 17.89 2.39 1.71
N ARG A 35 17.90 1.82 0.51
CA ARG A 35 19.08 1.87 -0.34
C ARG A 35 19.65 3.27 -0.48
N ASP A 36 18.79 4.27 -0.66
CA ASP A 36 19.22 5.63 -0.90
C ASP A 36 19.46 6.43 0.38
N GLY A 37 19.52 5.75 1.51
CA GLY A 37 19.82 6.40 2.75
C GLY A 37 18.61 6.92 3.50
N THR A 38 17.43 6.84 2.94
CA THR A 38 16.24 7.36 3.64
C THR A 38 15.91 6.49 4.84
N PRO A 39 15.76 7.08 6.04
CA PRO A 39 15.33 6.29 7.19
C PRO A 39 13.85 5.94 7.11
N ILE A 40 13.55 4.68 7.36
CA ILE A 40 12.20 4.15 7.30
C ILE A 40 11.86 3.65 8.69
N ARG A 41 10.82 4.23 9.27
CA ARG A 41 10.43 3.93 10.63
C ARG A 41 9.12 3.14 10.63
N GLY A 42 8.93 2.31 11.64
CA GLY A 42 7.68 1.56 11.73
C GLY A 42 7.53 0.95 13.11
N PHE A 43 6.54 0.06 13.22
CA PHE A 43 6.36 -0.72 14.44
C PHE A 43 6.34 -2.20 14.11
N SER A 44 6.69 -2.97 15.14
CA SER A 44 6.64 -4.42 15.14
C SER A 44 5.70 -4.85 16.26
N ARG A 45 4.70 -5.66 15.92
CA ARG A 45 3.77 -6.21 16.89
C ARG A 45 4.06 -7.69 16.94
N PRO A 46 4.80 -8.15 17.96
CA PRO A 46 5.23 -9.56 17.99
C PRO A 46 4.06 -10.53 18.00
N GLY A 47 4.29 -11.70 17.43
CA GLY A 47 3.34 -12.78 17.49
C GLY A 47 3.98 -14.07 17.05
N PRO A 48 3.35 -15.19 17.38
CA PRO A 48 3.93 -16.50 17.09
C PRO A 48 3.67 -17.00 15.68
N GLY A 49 2.84 -16.31 14.91
CA GLY A 49 2.38 -16.77 13.62
C GLY A 49 3.24 -16.30 12.48
N GLU A 50 2.60 -16.09 11.33
CA GLU A 50 3.31 -15.68 10.14
C GLU A 50 3.78 -14.24 10.30
N THR A 51 4.84 -13.89 9.60
CA THR A 51 5.34 -12.52 9.59
C THR A 51 4.71 -11.77 8.43
N VAL A 52 3.98 -10.71 8.76
CA VAL A 52 3.19 -9.95 7.81
C VAL A 52 3.72 -8.53 7.78
N VAL A 53 3.88 -7.98 6.58
CA VAL A 53 4.35 -6.62 6.39
C VAL A 53 3.23 -5.83 5.73
N LEU A 54 2.86 -4.72 6.33
CA LEU A 54 1.72 -3.91 5.91
C LEU A 54 2.20 -2.62 5.27
N VAL A 55 1.66 -2.31 4.08
CA VAL A 55 2.10 -1.18 3.27
C VAL A 55 0.89 -0.29 2.98
N HIS A 56 0.89 0.93 3.56
CA HIS A 56 -0.23 1.86 3.44
C HIS A 56 -0.26 2.55 2.07
N GLY A 57 -1.36 3.28 1.84
CA GLY A 57 -1.54 4.04 0.61
C GLY A 57 -0.88 5.41 0.64
N VAL A 58 -1.14 6.20 -0.39
CA VAL A 58 -0.36 7.41 -0.63
C VAL A 58 -0.60 8.44 0.47
N ALA A 59 -1.84 8.81 0.71
CA ALA A 59 -2.18 9.86 1.68
C ALA A 59 -2.51 9.25 3.02
N MET A 60 -1.67 8.32 3.47
CA MET A 60 -1.92 7.55 4.67
C MET A 60 -0.60 7.38 5.42
N ASP A 61 -0.68 6.74 6.58
CA ASP A 61 0.50 6.34 7.34
C ASP A 61 0.16 5.03 8.03
N ARG A 62 1.09 4.55 8.86
CA ARG A 62 0.93 3.24 9.47
C ARG A 62 -0.20 3.17 10.50
N ARG A 63 -0.76 4.31 10.93
CA ARG A 63 -1.84 4.27 11.91
C ARG A 63 -3.11 3.65 11.36
N ILE A 64 -3.24 3.53 10.04
CA ILE A 64 -4.49 3.06 9.48
C ILE A 64 -4.74 1.59 9.82
N TRP A 65 -3.70 0.83 10.11
CA TRP A 65 -3.89 -0.61 10.33
C TRP A 65 -4.70 -0.84 11.58
N ALA A 66 -4.40 -0.13 12.67
CA ALA A 66 -5.20 -0.24 13.87
C ALA A 66 -6.56 0.44 13.70
N GLU A 67 -6.56 1.62 13.09
CA GLU A 67 -7.81 2.37 12.99
C GLU A 67 -8.85 1.67 12.12
N SER A 68 -8.41 0.98 11.09
CA SER A 68 -9.31 0.24 10.23
C SER A 68 -9.80 -1.07 10.83
N GLY A 69 -9.17 -1.54 11.89
CA GLY A 69 -9.49 -2.83 12.44
C GLY A 69 -8.78 -3.97 11.75
N PHE A 70 -7.98 -3.69 10.72
CA PHE A 70 -7.22 -4.75 10.06
C PHE A 70 -6.25 -5.42 11.04
N LEU A 71 -5.56 -4.64 11.85
CA LEU A 71 -4.58 -5.23 12.77
C LEU A 71 -5.24 -6.19 13.75
N ASP A 72 -6.38 -5.79 14.31
CA ASP A 72 -7.08 -6.64 15.26
C ASP A 72 -7.57 -7.92 14.62
N ALA A 73 -7.70 -7.93 13.30
CA ALA A 73 -8.18 -9.13 12.64
C ALA A 73 -7.10 -10.20 12.49
N LEU A 74 -5.85 -9.88 12.77
CA LEU A 74 -4.74 -10.83 12.65
C LEU A 74 -4.32 -11.19 14.07
N PRO A 75 -4.93 -12.22 14.68
CA PRO A 75 -4.64 -12.48 16.10
C PRO A 75 -3.21 -12.97 16.36
N ASP A 76 -2.61 -13.69 15.44
CA ASP A 76 -1.36 -14.38 15.74
C ASP A 76 -0.13 -13.85 15.03
N ALA A 77 -0.30 -13.03 14.00
CA ALA A 77 0.82 -12.69 13.17
C ALA A 77 1.81 -11.81 13.91
N HIS A 78 3.08 -11.93 13.52
CA HIS A 78 4.07 -10.92 13.81
C HIS A 78 3.90 -9.86 12.74
N VAL A 79 3.38 -8.71 13.13
CA VAL A 79 3.04 -7.66 12.17
C VAL A 79 4.13 -6.60 12.16
N LEU A 80 4.59 -6.28 10.96
CA LEU A 80 5.50 -5.15 10.73
C LEU A 80 4.77 -4.11 9.91
N ALA A 81 4.66 -2.90 10.41
CA ALA A 81 3.98 -1.84 9.68
C ALA A 81 4.92 -0.66 9.55
N LEU A 82 5.24 -0.30 8.32
CA LEU A 82 6.17 0.79 8.07
C LEU A 82 5.42 2.05 7.66
N ASP A 83 6.05 3.20 7.93
CA ASP A 83 5.71 4.44 7.24
C ASP A 83 6.58 4.51 5.99
N LEU A 84 5.96 4.62 4.83
CA LEU A 84 6.74 4.84 3.63
C LEU A 84 7.42 6.20 3.69
N ARG A 85 8.49 6.33 2.92
CA ARG A 85 9.21 7.59 2.87
C ARG A 85 8.26 8.76 2.71
N GLY A 86 8.54 9.81 3.46
CA GLY A 86 7.77 11.04 3.38
C GLY A 86 6.46 11.05 4.12
N ARG A 87 6.04 9.92 4.68
CA ARG A 87 4.82 9.79 5.46
C ARG A 87 5.19 9.40 6.89
N GLY A 88 4.29 9.73 7.81
CA GLY A 88 4.45 9.28 9.19
C GLY A 88 5.77 9.75 9.76
N GLU A 89 6.51 8.82 10.36
CA GLU A 89 7.78 9.11 11.01
C GLU A 89 8.99 8.79 10.15
N SER A 90 8.79 8.50 8.88
CA SER A 90 9.91 8.20 8.00
C SER A 90 10.52 9.48 7.42
N GLY A 91 11.70 9.32 6.84
CA GLY A 91 12.45 10.48 6.37
C GLY A 91 11.76 11.21 5.25
N ARG A 92 12.03 12.51 5.19
CA ARG A 92 11.44 13.33 4.15
C ARG A 92 12.17 13.11 2.84
N VAL A 93 11.48 13.43 1.75
CA VAL A 93 11.95 13.17 0.40
C VAL A 93 11.86 14.47 -0.38
N GLY A 94 10.65 14.92 -0.67
CA GLY A 94 10.46 16.23 -1.26
C GLY A 94 10.80 16.38 -2.72
N THR A 95 11.11 15.29 -3.43
CA THR A 95 11.36 15.32 -4.87
C THR A 95 10.53 14.23 -5.50
N ALA A 96 10.15 14.47 -6.76
CA ALA A 96 9.37 13.49 -7.50
C ALA A 96 10.18 12.21 -7.69
N GLU A 97 11.44 12.32 -8.09
CA GLU A 97 12.22 11.11 -8.33
C GLU A 97 12.43 10.30 -7.05
N GLY A 98 12.51 10.98 -5.91
CA GLY A 98 12.67 10.26 -4.66
C GLY A 98 11.47 9.44 -4.30
N HIS A 99 10.33 9.71 -4.94
CA HIS A 99 9.10 8.95 -4.76
C HIS A 99 8.85 7.97 -5.91
N ALA A 100 9.86 7.63 -6.68
CA ALA A 100 9.69 6.60 -7.68
C ALA A 100 9.35 5.26 -7.03
N LEU A 101 8.55 4.46 -7.73
CA LEU A 101 8.14 3.14 -7.22
C LEU A 101 9.33 2.32 -6.74
N ARG A 102 10.43 2.34 -7.48
CA ARG A 102 11.58 1.51 -7.09
C ARG A 102 12.08 1.90 -5.70
N ARG A 103 11.94 3.16 -5.30
CA ARG A 103 12.37 3.56 -3.97
C ARG A 103 11.45 3.00 -2.89
N TYR A 104 10.14 3.00 -3.14
CA TYR A 104 9.24 2.39 -2.17
C TYR A 104 9.52 0.90 -2.02
N VAL A 105 9.86 0.24 -3.12
CA VAL A 105 10.19 -1.18 -3.08
C VAL A 105 11.43 -1.37 -2.21
N GLU A 106 12.41 -0.48 -2.36
CA GLU A 106 13.60 -0.53 -1.52
C GLU A 106 13.26 -0.31 -0.06
N ASP A 107 12.32 0.59 0.23
CA ASP A 107 11.90 0.82 1.62
C ASP A 107 11.37 -0.49 2.23
N VAL A 108 10.51 -1.17 1.50
CA VAL A 108 9.93 -2.39 2.02
C VAL A 108 10.99 -3.48 2.17
N ARG A 109 11.87 -3.63 1.19
CA ARG A 109 12.90 -4.66 1.28
C ARG A 109 13.84 -4.43 2.47
N ALA A 110 14.07 -3.17 2.83
CA ALA A 110 14.87 -2.88 4.01
C ALA A 110 14.19 -3.39 5.28
N VAL A 111 12.86 -3.31 5.35
CA VAL A 111 12.14 -3.89 6.48
C VAL A 111 12.30 -5.41 6.51
N LEU A 112 12.22 -6.05 5.34
CA LEU A 112 12.43 -7.50 5.28
C LEU A 112 13.82 -7.85 5.79
N ASP A 113 14.82 -7.05 5.45
CA ASP A 113 16.17 -7.29 5.97
C ASP A 113 16.21 -7.22 7.49
N ARG A 114 15.60 -6.18 8.06
CA ARG A 114 15.76 -6.00 9.50
C ARG A 114 15.23 -7.21 10.28
N PHE A 115 14.13 -7.78 9.86
CA PHE A 115 13.50 -8.85 10.63
C PHE A 115 14.00 -10.23 10.26
N GLY A 116 14.85 -10.32 9.22
CA GLY A 116 15.67 -11.48 8.94
C GLY A 116 14.95 -12.78 8.66
N ARG A 117 13.69 -12.75 8.29
CA ARG A 117 12.97 -13.99 8.04
C ARG A 117 13.17 -14.45 6.60
N ALA A 118 12.99 -15.75 6.39
CA ALA A 118 13.02 -16.28 5.02
C ALA A 118 11.69 -16.15 4.30
N ARG A 119 10.59 -15.98 5.04
CA ARG A 119 9.25 -15.91 4.45
C ARG A 119 8.52 -14.72 5.04
N TYR A 120 7.91 -13.92 4.16
CA TYR A 120 7.05 -12.82 4.57
C TYR A 120 5.78 -12.85 3.74
N SER A 121 4.69 -12.36 4.33
CA SER A 121 3.44 -12.12 3.63
C SER A 121 3.18 -10.62 3.64
N LEU A 122 3.02 -10.04 2.45
CA LEU A 122 2.82 -8.60 2.34
C LEU A 122 1.36 -8.28 2.08
N PHE A 123 0.88 -7.18 2.65
CA PHE A 123 -0.47 -6.71 2.39
C PHE A 123 -0.41 -5.20 2.22
N GLY A 124 -0.96 -4.69 1.11
CA GLY A 124 -0.93 -3.26 0.84
C GLY A 124 -2.28 -2.75 0.39
N THR A 125 -2.55 -1.51 0.77
CA THR A 125 -3.78 -0.82 0.40
C THR A 125 -3.54 0.18 -0.74
N PHE A 126 -4.34 0.09 -1.80
CA PHE A 126 -4.33 1.03 -2.92
C PHE A 126 -2.93 1.04 -3.49
N PHE A 127 -2.27 2.17 -3.60
CA PHE A 127 -0.93 2.14 -4.16
C PHE A 127 -0.01 1.26 -3.33
N GLY A 128 -0.25 1.14 -2.02
CA GLY A 128 0.52 0.20 -1.24
C GLY A 128 0.40 -1.24 -1.70
N GLY A 129 -0.77 -1.60 -2.26
CA GLY A 129 -0.92 -2.91 -2.87
C GLY A 129 -0.05 -3.07 -4.10
N ARG A 130 0.03 -2.03 -4.91
CA ARG A 130 0.90 -2.06 -6.07
C ARG A 130 2.36 -2.19 -5.64
N ILE A 131 2.76 -1.48 -4.58
CA ILE A 131 4.11 -1.65 -4.06
C ILE A 131 4.34 -3.09 -3.63
N ALA A 132 3.38 -3.65 -2.89
CA ALA A 132 3.52 -5.03 -2.44
C ALA A 132 3.69 -5.98 -3.61
N LEU A 133 2.91 -5.79 -4.67
CA LEU A 133 3.04 -6.65 -5.84
C LEU A 133 4.42 -6.53 -6.49
N GLN A 134 4.96 -5.32 -6.54
CA GLN A 134 6.28 -5.15 -7.13
C GLN A 134 7.38 -5.72 -6.24
N VAL A 135 7.26 -5.59 -4.91
CA VAL A 135 8.22 -6.26 -4.03
C VAL A 135 8.18 -7.76 -4.27
N ALA A 136 6.96 -8.32 -4.39
CA ALA A 136 6.83 -9.76 -4.63
C ALA A 136 7.52 -10.17 -5.91
N ALA A 137 7.54 -9.29 -6.92
CA ALA A 137 8.15 -9.64 -8.18
C ALA A 137 9.65 -9.80 -8.07
N VAL A 138 10.28 -9.07 -7.15
CA VAL A 138 11.73 -8.98 -7.10
C VAL A 138 12.35 -9.64 -5.90
N ASP A 139 11.57 -10.00 -4.89
CA ASP A 139 12.13 -10.47 -3.62
C ASP A 139 11.61 -11.87 -3.32
N THR A 140 12.50 -12.85 -3.38
CA THR A 140 12.12 -14.24 -3.19
C THR A 140 11.74 -14.57 -1.77
N ARG A 141 11.94 -13.67 -0.82
CA ARG A 141 11.45 -13.90 0.53
C ARG A 141 9.96 -13.65 0.67
N VAL A 142 9.31 -13.12 -0.35
CA VAL A 142 7.88 -12.85 -0.29
C VAL A 142 7.15 -14.12 -0.68
N ALA A 143 6.54 -14.76 0.32
CA ALA A 143 5.76 -15.97 0.11
C ALA A 143 4.33 -15.66 -0.34
N ARG A 144 3.78 -14.54 0.09
CA ARG A 144 2.43 -14.14 -0.27
C ARG A 144 2.41 -12.63 -0.43
N ALA A 145 1.60 -12.17 -1.36
CA ALA A 145 1.33 -10.74 -1.46
C ALA A 145 -0.14 -10.52 -1.76
N PHE A 146 -0.74 -9.62 -1.01
CA PHE A 146 -2.14 -9.24 -1.11
C PHE A 146 -2.19 -7.77 -1.48
N SER A 147 -2.94 -7.46 -2.53
CA SER A 147 -3.13 -6.08 -2.98
C SER A 147 -4.59 -5.72 -2.91
N PHE A 148 -4.89 -4.77 -2.05
CA PHE A 148 -6.25 -4.32 -1.81
C PHE A 148 -6.54 -3.11 -2.68
N CYS A 149 -7.43 -3.29 -3.64
CA CYS A 149 -7.92 -2.22 -4.51
C CYS A 149 -6.83 -1.66 -5.42
N ALA A 150 -5.85 -2.49 -5.80
CA ALA A 150 -4.92 -2.20 -6.87
C ALA A 150 -4.63 -3.50 -7.59
N HIS A 151 -4.57 -3.43 -8.91
CA HIS A 151 -4.26 -4.58 -9.74
C HIS A 151 -2.80 -4.52 -10.17
N ALA A 152 -2.39 -5.49 -10.99
CA ALA A 152 -1.01 -5.71 -11.36
C ALA A 152 -0.68 -5.32 -12.79
N GLU A 153 -1.64 -4.76 -13.52
CA GLU A 153 -1.45 -4.58 -14.95
C GLU A 153 -0.83 -3.22 -15.27
N GLN A 154 -0.32 -3.10 -16.49
CA GLN A 154 0.18 -1.81 -16.96
C GLN A 154 -0.95 -0.81 -16.92
N VAL A 155 -0.65 0.44 -16.51
CA VAL A 155 -1.67 1.48 -16.51
C VAL A 155 -1.18 2.66 -17.34
N GLU A 156 -2.14 3.46 -17.82
CA GLU A 156 -1.86 4.72 -18.50
C GLU A 156 -1.82 5.82 -17.44
N ILE A 157 -0.71 6.52 -17.36
CA ILE A 157 -0.57 7.62 -16.41
C ILE A 157 -0.44 8.92 -17.18
N PRO A 158 -1.52 9.67 -17.41
CA PRO A 158 -1.42 10.89 -18.22
C PRO A 158 -0.65 11.97 -17.49
N GLU A 159 0.28 12.62 -18.19
CA GLU A 159 1.12 13.60 -17.53
C GLU A 159 0.28 14.76 -17.01
N ASP A 160 -0.73 15.18 -17.77
CA ASP A 160 -1.51 16.34 -17.36
C ASP A 160 -2.33 16.05 -16.11
N ALA A 161 -2.94 14.86 -16.03
CA ALA A 161 -3.74 14.51 -14.86
C ALA A 161 -2.88 14.42 -13.63
N VAL A 162 -1.68 13.85 -13.78
CA VAL A 162 -0.76 13.76 -12.65
C VAL A 162 -0.42 15.15 -12.15
N GLU A 163 -0.03 16.03 -13.06
CA GLU A 163 0.38 17.36 -12.60
C GLU A 163 -0.78 18.12 -11.99
N GLU A 164 -1.97 18.01 -12.57
CA GLU A 164 -3.14 18.67 -11.99
C GLU A 164 -3.42 18.17 -10.58
N GLU A 165 -3.31 16.86 -10.36
CA GLU A 165 -3.52 16.33 -9.02
C GLU A 165 -2.43 16.79 -8.07
N ALA A 166 -1.17 16.84 -8.54
CA ALA A 166 -0.09 17.26 -7.66
C ALA A 166 -0.30 18.69 -7.20
N VAL A 167 -0.74 19.56 -8.10
CA VAL A 167 -1.03 20.95 -7.74
C VAL A 167 -2.17 21.00 -6.73
N ALA A 168 -3.19 20.17 -6.93
CA ALA A 168 -4.37 20.21 -6.07
C ALA A 168 -4.08 19.73 -4.65
N VAL A 169 -3.13 18.80 -4.48
CA VAL A 169 -2.85 18.27 -3.15
C VAL A 169 -1.72 18.97 -2.41
N GLU A 170 -0.86 19.73 -3.09
CA GLU A 170 0.34 20.23 -2.45
C GLU A 170 0.21 21.66 -1.92
N GLY A 171 -0.83 22.38 -2.30
CA GLY A 171 -0.96 23.75 -1.86
C GLY A 171 -1.67 23.87 -0.52
N PRO A 172 -1.85 25.11 -0.08
CA PRO A 172 -2.61 25.36 1.16
C PRO A 172 -3.94 24.63 1.23
N GLY A 173 -4.64 24.49 0.11
CA GLY A 173 -5.91 23.79 0.19
C GLY A 173 -5.88 22.30 -0.01
N GLY A 174 -4.69 21.67 0.00
CA GLY A 174 -4.57 20.28 -0.42
C GLY A 174 -5.24 19.31 0.52
N HIS A 175 -5.05 19.48 1.83
CA HIS A 175 -5.71 18.58 2.77
C HIS A 175 -7.22 18.69 2.63
N ALA A 176 -7.73 19.92 2.52
CA ALA A 176 -9.17 20.13 2.38
C ALA A 176 -9.68 19.51 1.09
N TYR A 177 -8.89 19.61 0.01
CA TYR A 177 -9.25 18.97 -1.25
C TYR A 177 -9.42 17.47 -1.10
N LEU A 178 -8.46 16.81 -0.47
CA LEU A 178 -8.54 15.36 -0.29
C LEU A 178 -9.64 14.98 0.68
N ARG A 179 -9.75 15.70 1.79
CA ARG A 179 -10.82 15.43 2.75
C ARG A 179 -12.17 15.51 2.07
N ASP A 180 -12.41 16.56 1.28
CA ASP A 180 -13.69 16.70 0.61
C ASP A 180 -13.90 15.59 -0.42
N HIS A 181 -12.84 15.25 -1.18
CA HIS A 181 -12.95 14.20 -2.16
C HIS A 181 -13.34 12.88 -1.51
N PHE A 182 -12.63 12.50 -0.44
CA PHE A 182 -12.89 11.20 0.18
C PHE A 182 -14.19 11.20 0.96
N THR A 183 -14.55 12.32 1.58
CA THR A 183 -15.84 12.38 2.28
C THR A 183 -16.98 12.19 1.30
N GLY A 184 -16.93 12.92 0.18
CA GLY A 184 -17.99 12.85 -0.79
C GLY A 184 -18.12 11.49 -1.44
N ARG A 185 -17.04 10.71 -1.43
CA ARG A 185 -17.04 9.36 -1.99
C ARG A 185 -17.22 8.27 -0.93
N GLY A 186 -17.54 8.64 0.30
CA GLY A 186 -17.92 7.65 1.28
C GLY A 186 -16.77 6.90 1.90
N ALA A 187 -15.56 7.46 1.91
CA ALA A 187 -14.44 6.79 2.55
C ALA A 187 -14.67 6.66 4.05
N PRO A 188 -14.10 5.65 4.70
CA PRO A 188 -14.18 5.58 6.15
C PRO A 188 -13.52 6.78 6.79
N PRO A 189 -13.94 7.14 7.99
CA PRO A 189 -13.37 8.33 8.64
C PRO A 189 -11.86 8.28 8.79
N TRP A 190 -11.29 7.12 9.12
CA TRP A 190 -9.84 7.06 9.30
C TRP A 190 -9.12 7.42 8.01
N MET A 191 -9.72 7.14 6.87
CA MET A 191 -9.09 7.42 5.59
C MET A 191 -9.20 8.89 5.28
N VAL A 192 -10.34 9.49 5.59
CA VAL A 192 -10.48 10.94 5.45
C VAL A 192 -9.44 11.66 6.30
N GLU A 193 -9.33 11.24 7.56
CA GLU A 193 -8.50 11.95 8.53
C GLU A 193 -7.00 11.76 8.28
N ALA A 194 -6.60 10.64 7.66
CA ALA A 194 -5.16 10.40 7.52
C ALA A 194 -4.52 11.44 6.61
N CYS A 195 -5.27 12.01 5.67
CA CYS A 195 -4.68 12.92 4.69
C CYS A 195 -4.00 14.10 5.36
N ALA A 196 -4.60 14.63 6.43
CA ALA A 196 -4.09 15.82 7.09
C ALA A 196 -2.81 15.56 7.87
N ARG A 197 -2.42 14.30 8.01
CA ARG A 197 -1.17 13.94 8.64
C ARG A 197 -0.01 13.84 7.66
N VAL A 198 -0.22 14.09 6.38
CA VAL A 198 0.85 14.02 5.38
C VAL A 198 1.27 15.43 5.01
N ASP A 199 2.56 15.69 5.03
CA ASP A 199 3.11 16.97 4.59
CA ASP A 199 3.10 16.97 4.59
C ASP A 199 2.59 17.28 3.17
N PRO A 200 2.03 18.46 2.94
CA PRO A 200 1.55 18.74 1.57
C PRO A 200 2.61 18.62 0.51
N GLY A 201 3.85 19.00 0.82
CA GLY A 201 4.91 18.87 -0.18
C GLY A 201 5.20 17.42 -0.53
N GLU A 202 5.02 16.52 0.43
CA GLU A 202 5.19 15.11 0.11
C GLU A 202 4.01 14.56 -0.69
N LEU A 203 2.81 15.06 -0.44
CA LEU A 203 1.68 14.67 -1.29
C LEU A 203 1.96 15.04 -2.74
N GLY A 204 2.43 16.26 -2.96
CA GLY A 204 2.74 16.66 -4.34
C GLY A 204 3.84 15.83 -4.95
N ALA A 205 4.93 15.62 -4.21
CA ALA A 205 6.07 14.88 -4.73
C ALA A 205 5.70 13.43 -4.98
N ALA A 206 4.90 12.82 -4.10
CA ALA A 206 4.50 11.44 -4.32
C ALA A 206 3.65 11.34 -5.57
N THR A 207 2.79 12.33 -5.82
CA THR A 207 1.96 12.28 -7.01
C THR A 207 2.85 12.35 -8.24
N ARG A 208 3.78 13.31 -8.26
CA ARG A 208 4.68 13.42 -9.41
C ARG A 208 5.57 12.20 -9.55
N GLY A 209 5.86 11.50 -8.46
CA GLY A 209 6.65 10.28 -8.52
C GLY A 209 6.07 9.23 -9.42
N LEU A 210 4.77 9.30 -9.69
CA LEU A 210 4.13 8.34 -10.57
C LEU A 210 4.74 8.34 -11.96
N LEU A 211 5.30 9.45 -12.38
CA LEU A 211 5.88 9.53 -13.71
C LEU A 211 7.26 8.95 -13.76
N HIS A 212 7.63 8.12 -12.78
CA HIS A 212 8.90 7.43 -12.77
C HIS A 212 8.72 5.92 -12.54
N GLY A 213 8.06 5.24 -13.48
CA GLY A 213 7.99 3.79 -13.51
C GLY A 213 6.70 3.17 -13.01
N SER A 214 5.88 3.91 -12.25
CA SER A 214 4.71 3.33 -11.61
C SER A 214 3.74 2.65 -12.57
N ASP A 215 3.85 2.88 -13.87
CA ASP A 215 2.84 2.39 -14.79
C ASP A 215 3.11 0.98 -15.33
N ARG A 216 4.29 0.43 -15.09
CA ARG A 216 4.62 -0.88 -15.64
C ARG A 216 3.87 -1.98 -14.88
N ARG A 217 3.51 -3.06 -15.60
CA ARG A 217 2.84 -4.19 -14.95
C ARG A 217 3.82 -4.85 -13.98
N THR A 218 3.30 -5.63 -13.05
CA THR A 218 4.15 -6.39 -12.15
C THR A 218 4.18 -7.86 -12.57
N GLU A 219 5.24 -8.55 -12.18
CA GLU A 219 5.45 -9.94 -12.56
C GLU A 219 5.39 -10.83 -11.32
N ARG A 220 5.19 -12.12 -11.56
CA ARG A 220 5.28 -13.13 -10.51
C ARG A 220 6.74 -13.35 -10.16
N GLY A 221 7.05 -13.37 -8.87
CA GLY A 221 8.41 -13.57 -8.43
C GLY A 221 8.88 -15.00 -8.50
N HIS A 222 8.05 -15.95 -8.10
CA HIS A 222 8.43 -17.35 -8.19
C HIS A 222 7.18 -18.21 -8.19
N PRO A 223 7.28 -19.46 -8.63
CA PRO A 223 6.06 -20.28 -8.84
C PRO A 223 5.21 -20.54 -7.60
N ASP A 224 5.81 -20.64 -6.42
CA ASP A 224 5.04 -21.00 -5.23
C ASP A 224 4.39 -19.81 -4.55
N GLN A 225 4.66 -18.60 -5.03
CA GLN A 225 4.10 -17.42 -4.38
C GLN A 225 2.58 -17.41 -4.47
N GLU A 226 1.93 -16.97 -3.40
CA GLU A 226 0.49 -16.76 -3.40
C GLU A 226 0.23 -15.28 -3.63
N LEU A 227 -0.44 -14.95 -4.73
CA LEU A 227 -0.75 -13.57 -5.08
C LEU A 227 -2.26 -13.42 -5.04
N VAL A 228 -2.73 -12.40 -4.32
CA VAL A 228 -4.15 -12.17 -4.12
C VAL A 228 -4.45 -10.72 -4.42
N LEU A 229 -5.44 -10.47 -5.26
CA LEU A 229 -5.98 -9.15 -5.51
C LEU A 229 -7.36 -9.08 -4.88
N ILE A 230 -7.68 -7.94 -4.28
CA ILE A 230 -8.97 -7.74 -3.63
C ILE A 230 -9.57 -6.46 -4.16
N THR A 231 -10.87 -6.47 -4.48
CA THR A 231 -11.51 -5.20 -4.81
C THR A 231 -13.01 -5.27 -4.54
N ALA A 232 -13.67 -4.15 -4.83
CA ALA A 232 -15.12 -4.03 -4.74
C ALA A 232 -15.80 -4.83 -5.83
N ASP A 233 -16.87 -5.55 -5.46
CA ASP A 233 -17.63 -6.26 -6.48
C ASP A 233 -18.23 -5.29 -7.49
N GLY A 234 -18.47 -4.05 -7.10
CA GLY A 234 -18.97 -3.00 -7.97
C GLY A 234 -17.95 -2.19 -8.72
N ASP A 235 -16.68 -2.57 -8.64
CA ASP A 235 -15.59 -1.82 -9.28
C ASP A 235 -15.92 -1.59 -10.74
N ALA A 236 -15.83 -0.32 -11.15
CA ALA A 236 -16.08 0.07 -12.53
C ALA A 236 -15.03 -0.45 -13.50
N ASP A 237 -13.88 -0.90 -13.00
CA ASP A 237 -12.84 -1.43 -13.88
C ASP A 237 -12.28 -2.75 -13.33
N LEU A 238 -13.10 -3.78 -13.35
CA LEU A 238 -12.67 -5.08 -12.89
C LEU A 238 -11.79 -5.79 -13.89
N ALA A 239 -11.84 -5.41 -15.16
CA ALA A 239 -11.10 -6.14 -16.18
C ALA A 239 -9.64 -6.35 -15.82
N PRO A 240 -8.88 -5.36 -15.38
CA PRO A 240 -7.47 -5.64 -15.08
C PRO A 240 -7.29 -6.58 -13.91
N PHE A 241 -8.26 -6.68 -12.99
CA PHE A 241 -8.18 -7.69 -11.93
C PHE A 241 -8.30 -9.09 -12.51
N HIS A 242 -9.24 -9.31 -13.42
CA HIS A 242 -9.30 -10.59 -14.09
C HIS A 242 -8.05 -10.87 -14.91
N ALA A 243 -7.45 -9.81 -15.48
CA ALA A 243 -6.20 -10.01 -16.22
C ALA A 243 -5.11 -10.56 -15.32
N GLY A 244 -5.05 -10.09 -14.07
CA GLY A 244 -4.06 -10.62 -13.15
C GLY A 244 -4.30 -12.06 -12.75
N GLU A 245 -5.57 -12.49 -12.68
CA GLU A 245 -5.85 -13.91 -12.47
C GLU A 245 -5.20 -14.74 -13.56
N ARG A 246 -5.39 -14.30 -14.82
CA ARG A 246 -4.90 -15.08 -15.95
C ARG A 246 -3.38 -15.05 -16.06
N ARG A 247 -2.81 -13.85 -15.93
CA ARG A 247 -1.40 -13.65 -16.25
C ARG A 247 -0.51 -14.08 -15.11
N LEU A 248 -0.93 -13.82 -13.87
CA LEU A 248 -0.10 -14.11 -12.70
C LEU A 248 -0.57 -15.31 -11.92
N GLY A 249 -1.72 -15.88 -12.25
CA GLY A 249 -2.29 -16.91 -11.40
C GLY A 249 -2.73 -16.34 -10.07
N ALA A 250 -3.08 -15.06 -10.03
CA ALA A 250 -3.54 -14.47 -8.79
C ALA A 250 -4.96 -14.91 -8.48
N HIS A 251 -5.31 -14.92 -7.19
CA HIS A 251 -6.69 -15.14 -6.78
C HIS A 251 -7.35 -13.80 -6.59
N LEU A 252 -8.62 -13.70 -6.96
CA LEU A 252 -9.37 -12.47 -6.84
C LEU A 252 -10.43 -12.63 -5.75
N TRP A 253 -10.39 -11.73 -4.77
CA TRP A 253 -11.38 -11.66 -3.70
C TRP A 253 -12.20 -10.41 -3.90
N LEU A 254 -13.51 -10.53 -3.72
CA LEU A 254 -14.42 -9.40 -3.84
C LEU A 254 -15.05 -9.08 -2.49
N VAL A 255 -15.27 -7.80 -2.25
CA VAL A 255 -16.05 -7.35 -1.11
C VAL A 255 -17.23 -6.54 -1.62
N ASP A 256 -18.26 -6.49 -0.79
CA ASP A 256 -19.49 -5.79 -1.16
C ASP A 256 -19.26 -4.28 -1.07
N ALA A 257 -19.15 -3.65 -2.21
CA ALA A 257 -19.03 -2.20 -2.25
C ALA A 257 -19.19 -1.71 -3.67
N PRO A 258 -19.74 -0.52 -3.89
CA PRO A 258 -19.88 -0.03 -5.27
C PRO A 258 -18.62 0.55 -5.87
N THR A 259 -17.63 0.92 -5.04
CA THR A 259 -16.43 1.59 -5.51
C THR A 259 -15.26 1.14 -4.65
N ARG A 260 -14.04 1.37 -5.15
CA ARG A 260 -12.85 1.04 -4.39
C ARG A 260 -12.75 1.86 -3.10
N ILE A 261 -13.08 3.14 -3.16
CA ILE A 261 -13.01 3.94 -1.95
C ILE A 261 -13.93 3.38 -0.89
N LYS A 262 -15.17 3.02 -1.27
CA LYS A 262 -16.09 2.46 -0.31
C LYS A 262 -15.68 1.09 0.16
N ALA A 263 -14.94 0.35 -0.68
CA ALA A 263 -14.45 -0.95 -0.24
C ALA A 263 -13.52 -0.82 0.95
N ALA A 264 -12.90 0.34 1.16
CA ALA A 264 -12.03 0.51 2.32
C ALA A 264 -12.79 0.37 3.62
N GLY A 265 -14.12 0.54 3.60
CA GLY A 265 -14.93 0.26 4.77
C GLY A 265 -14.95 -1.19 5.17
N ARG A 266 -14.48 -2.08 4.30
CA ARG A 266 -14.49 -3.52 4.54
C ARG A 266 -13.10 -4.04 4.90
N LEU A 267 -12.16 -3.17 5.24
CA LEU A 267 -10.78 -3.62 5.40
C LEU A 267 -10.63 -4.60 6.58
N ALA A 268 -11.35 -4.38 7.68
CA ALA A 268 -11.25 -5.35 8.78
C ALA A 268 -11.73 -6.71 8.35
N GLU A 269 -12.83 -6.76 7.59
CA GLU A 269 -13.36 -8.01 7.07
C GLU A 269 -12.34 -8.71 6.18
N VAL A 270 -11.67 -7.95 5.33
CA VAL A 270 -10.59 -8.52 4.52
C VAL A 270 -9.50 -9.08 5.41
N GLY A 271 -9.17 -8.39 6.51
CA GLY A 271 -8.19 -8.90 7.44
C GLY A 271 -8.55 -10.25 7.99
N ARG A 272 -9.85 -10.48 8.24
CA ARG A 272 -10.26 -11.79 8.73
C ARG A 272 -9.99 -12.87 7.70
N ARG A 273 -10.19 -12.54 6.43
CA ARG A 273 -9.94 -13.52 5.37
C ARG A 273 -8.44 -13.73 5.17
N VAL A 274 -7.64 -12.69 5.32
CA VAL A 274 -6.19 -12.86 5.35
C VAL A 274 -5.77 -13.78 6.47
N ALA A 275 -6.33 -13.60 7.67
CA ALA A 275 -6.01 -14.45 8.81
C ALA A 275 -6.29 -15.91 8.48
N GLY A 276 -7.35 -16.19 7.70
CA GLY A 276 -7.63 -17.54 7.29
C GLY A 276 -6.57 -18.14 6.40
N VAL A 277 -5.95 -17.31 5.55
CA VAL A 277 -4.84 -17.80 4.73
C VAL A 277 -3.62 -18.07 5.61
N LEU A 278 -3.32 -17.16 6.53
CA LEU A 278 -2.13 -17.29 7.35
C LEU A 278 -2.24 -18.49 8.27
N ALA A 279 -3.46 -18.84 8.69
CA ALA A 279 -3.70 -20.00 9.55
C ALA A 279 -3.44 -21.28 8.76
C10 MQW B . -6.61 9.80 -5.97
C13 MQW B . -7.99 11.54 -5.00
C17 MQW B . -4.44 9.95 -10.63
C20 MQW B . -3.68 8.39 -8.71
C22 MQW B . -4.04 6.24 -9.96
C26 MQW B . -5.06 2.31 -7.29
C28 MQW B . -4.63 0.65 -9.12
C02 MQW B . -2.72 8.71 -5.61
C04 MQW B . -3.40 10.12 -3.66
C05 MQW B . -3.26 11.67 -3.33
C06 MQW B . -1.88 12.03 -3.96
C07 MQW B . -1.78 11.23 -5.10
C08 MQW B . -4.85 9.76 -4.08
C11 MQW B . -7.41 11.00 -6.30
C12 MQW B . -8.50 10.71 -7.36
C14 MQW B . -6.11 8.99 -7.19
C16 MQW B . -4.86 9.08 -9.45
C18 MQW B . -3.07 9.48 -11.21
C19 MQW B . -4.39 11.46 -10.43
C23 MQW B . -5.05 5.21 -9.56
C25 MQW B . -5.91 3.41 -8.04
C27 MQW B . -4.09 1.59 -8.27
C29 MQW B . -3.80 -0.01 -10.02
C30 MQW B . -2.45 0.30 -10.07
C31 MQW B . -1.91 1.24 -9.21
C32 MQW B . -2.74 1.90 -8.30
C33 MQW B . -7.06 3.71 -7.14
C35 MQW B . -8.19 5.34 -5.60
C36 MQW B . -9.02 6.52 -6.06
C37 MQW B . -10.31 6.02 -6.75
C40 MQW B . -7.43 5.72 -4.30
C42 MQW B . -5.32 6.15 -2.99
C43 MQW B . -4.17 5.51 -2.60
C46 MQW B . -6.66 5.97 -1.92
C50 MQW B . -2.95 5.41 -10.73
C51 MQW B . -2.04 4.61 -9.77
C52 MQW B . -2.03 6.26 -11.63
C54 MQW B . -1.91 8.66 -6.94
N03 MQW B . -2.69 9.91 -4.78
N09 MQW B . -5.29 10.14 -5.42
N15 MQW B . -5.45 9.76 -8.29
N21 MQW B . -3.31 6.96 -8.94
N24 MQW B . -4.92 4.45 -8.31
N34 MQW B . -7.12 5.01 -6.52
N41 MQW B . -5.89 5.57 -4.26
N53 MQW B . -3.03 9.11 -7.84
O01 MQW B . -3.40 7.80 -5.31
O38 MQW B . -10.68 4.82 -6.57
O39 MQW B . -10.98 6.80 -7.49
O44 MQW B . -3.43 4.89 -3.42
O45 MQW B . -3.80 5.57 -1.41
O48 MQW B . -7.92 2.90 -6.97
O49 MQW B . -5.97 4.98 -10.27
O55 MQW B . -6.21 7.79 -7.21
O56 MQW B . -5.58 9.17 -3.34
S47 MQW B . -8.04 6.09 -2.91
H101 MQW B . -7.23 9.34 -5.40
H132 MQW B . -7.05 11.45 -4.74
H131 MQW B . -8.51 10.73 -5.08
H133 MQW B . -8.20 12.27 -5.60
H171 MQW B . -5.17 9.80 -11.24
H221 MQW B . -4.54 6.93 -10.43
H261 MQW B . -5.65 1.65 -6.90
H262 MQW B . -4.55 2.72 -6.58
H281 MQW B . -5.53 0.44 -9.09
H041 MQW B . -3.09 9.63 -2.89
H052 MQW B . -3.25 11.83 -2.38
H051 MQW B . -3.97 12.18 -3.75
H061 MQW B . -1.17 11.82 -3.35
H062 MQW B . -1.85 12.96 -4.21
H071 MQW B . -0.87 10.97 -5.25
H072 MQW B . -2.14 11.69 -5.87
H111 MQW B . -6.84 11.67 -6.70
H122 MQW B . -8.97 9.89 -7.12
H123 MQW B . -8.08 10.60 -8.23
H121 MQW B . -9.13 11.44 -7.40
H161 MQW B . -5.49 8.52 -9.94
H181 MQW B . -2.37 9.71 -10.59
H183 MQW B . -2.91 9.94 -12.05
H182 MQW B . -3.09 8.53 -11.36
H191 MQW B . -3.69 11.68 -9.78
H193 MQW B . -5.24 11.78 -10.11
H192 MQW B . -4.17 11.89 -11.27
H251 MQW B . -6.32 3.20 -8.89
H291 MQW B . -4.15 -0.65 -10.59
H301 MQW B . -1.89 -0.14 -10.68
H311 MQW B . -1.00 1.44 -9.24
H321 MQW B . -2.38 2.54 -7.73
H351 MQW B . -8.81 4.61 -5.49
H362 MQW B . -8.51 7.06 -6.69
H361 MQW B . -9.26 7.08 -5.30
H421 MQW B . -5.08 7.09 -3.07
H461 MQW B . -6.65 6.69 -1.26
H501 MQW B . -3.47 4.82 -11.30
H512 MQW B . -1.22 5.10 -9.62
H511 MQW B . -1.82 3.74 -10.17
H513 MQW B . -2.49 4.47 -8.92
H521 MQW B . -1.57 6.92 -11.07
H522 MQW B . -2.55 6.72 -12.30
H523 MQW B . -1.37 5.70 -12.05
H541 MQW B . -1.61 7.76 -7.15
H542 MQW B . -1.15 9.26 -6.94
H091 MQW B . -4.75 10.59 -5.91
H151 MQW B . -5.40 10.62 -8.25
H211 MQW B . -2.69 6.58 -8.48
H241 MQW B . -4.28 4.62 -7.75
H341 MQW B . -6.52 5.60 -6.70
H462 MQW B . -6.63 5.11 -1.49
#